data_1HCF
#
_entry.id   1HCF
#
_cell.length_a   74.372
_cell.length_b   80.406
_cell.length_c   91.318
_cell.angle_alpha   90.00
_cell.angle_beta   90.00
_cell.angle_gamma   90.00
#
_symmetry.space_group_name_H-M   'P 21 21 21'
#
loop_
_entity.id
_entity.type
_entity.pdbx_description
1 polymer NEUROTROPHIN-4
2 polymer 'BDNF/NT-3 GROWTH FACTORS RECEPTOR'
3 non-polymer 'SULFATE ION'
4 water water
#
loop_
_entity_poly.entity_id
_entity_poly.type
_entity_poly.pdbx_seq_one_letter_code
_entity_poly.pdbx_strand_id
1 'polypeptide(L)'
;GVSETAPASRRGELAVCDAVSGWVTDRRTAVDLRGREVEVLGEVPAAGGSPLRQYFFETRCKADNAEEGGPGAGGGGCRG
VDRRHWVSECKAKQSYVRALTADAQGRVGWRWIRIDTACVCTLLSRTGRA
;
A,B
2 'polypeptide(L)'
;SHMAPTITFLESPTSDHHWCIPFTVKGNPKPALQWFYNGAILNESKYICTKIHVTNHTEYHGCLQLDNPTHMNNGDYTLI
AKNEYGKDEKQISAHFMGWPG
;
X,Y
#
loop_
_chem_comp.id
_chem_comp.type
_chem_comp.name
_chem_comp.formula
SO4 non-polymer 'SULFATE ION' 'O4 S -2'
#
# COMPACT_ATOMS: atom_id res chain seq x y z
N GLY A 1 -10.34 -11.58 24.24
CA GLY A 1 -11.59 -10.79 24.33
C GLY A 1 -12.08 -10.63 25.76
N VAL A 2 -12.06 -9.41 26.27
CA VAL A 2 -12.50 -9.13 27.63
C VAL A 2 -14.01 -9.31 27.75
N SER A 3 -14.76 -8.26 27.41
CA SER A 3 -16.22 -8.29 27.47
C SER A 3 -16.79 -7.35 26.41
N GLU A 4 -16.03 -6.29 26.13
CA GLU A 4 -16.44 -5.31 25.14
C GLU A 4 -15.35 -5.18 24.09
N THR A 5 -14.10 -5.42 24.50
CA THR A 5 -12.96 -5.35 23.57
C THR A 5 -11.90 -6.39 23.88
N ALA A 6 -11.39 -7.01 22.82
CA ALA A 6 -10.37 -8.03 22.92
C ALA A 6 -8.97 -7.43 22.95
N PRO A 7 -8.08 -7.95 23.82
CA PRO A 7 -6.72 -7.42 23.90
C PRO A 7 -6.03 -7.72 22.58
N ALA A 8 -5.02 -6.94 22.22
CA ALA A 8 -4.30 -7.14 20.96
C ALA A 8 -3.57 -8.48 20.95
N SER A 9 -3.26 -9.03 22.13
CA SER A 9 -2.55 -10.29 22.18
C SER A 9 -3.45 -11.43 21.72
N ARG A 10 -4.74 -11.15 21.63
CA ARG A 10 -5.69 -12.16 21.20
C ARG A 10 -6.15 -11.92 19.79
N ARG A 11 -5.52 -10.96 19.14
CA ARG A 11 -5.88 -10.67 17.77
C ARG A 11 -4.69 -10.97 16.87
N GLY A 12 -4.81 -10.62 15.60
CA GLY A 12 -3.71 -10.89 14.69
C GLY A 12 -2.76 -9.73 14.54
N GLU A 13 -2.04 -9.73 13.43
CA GLU A 13 -1.07 -8.71 13.11
C GLU A 13 -1.71 -7.33 13.12
N LEU A 14 -1.01 -6.39 13.74
CA LEU A 14 -1.49 -5.03 13.82
C LEU A 14 -0.86 -4.22 12.70
N ALA A 15 -1.51 -3.12 12.35
CA ALA A 15 -1.01 -2.25 11.31
C ALA A 15 -0.11 -1.22 11.97
N VAL A 16 0.92 -0.79 11.27
CA VAL A 16 1.82 0.22 11.81
C VAL A 16 1.09 1.55 11.61
N CYS A 17 0.28 1.60 10.56
CA CYS A 17 -0.50 2.78 10.24
C CYS A 17 -1.91 2.33 9.88
N ASP A 18 -2.89 2.83 10.64
CA ASP A 18 -4.28 2.48 10.40
C ASP A 18 -4.81 3.10 9.11
N ALA A 19 -5.52 2.29 8.33
CA ALA A 19 -6.05 2.75 7.06
C ALA A 19 -7.54 2.45 6.93
N VAL A 20 -8.17 3.05 5.93
CA VAL A 20 -9.59 2.86 5.70
C VAL A 20 -9.81 2.81 4.20
N SER A 21 -10.49 1.77 3.73
CA SER A 21 -10.76 1.63 2.30
C SER A 21 -12.23 1.87 1.98
N GLY A 22 -12.49 2.22 0.73
CA GLY A 22 -13.85 2.46 0.30
C GLY A 22 -13.96 2.68 -1.19
N TRP A 23 -15.18 2.65 -1.69
CA TRP A 23 -15.42 2.87 -3.11
C TRP A 23 -15.52 4.35 -3.29
N VAL A 24 -15.01 4.87 -4.41
CA VAL A 24 -15.09 6.30 -4.69
C VAL A 24 -15.88 6.53 -5.98
N THR A 25 -17.09 7.06 -5.84
CA THR A 25 -17.95 7.27 -7.00
C THR A 25 -18.07 8.73 -7.42
N ASP A 26 -17.42 9.64 -6.71
CA ASP A 26 -17.51 11.05 -7.04
C ASP A 26 -16.19 11.69 -7.47
N ARG A 27 -15.28 10.91 -8.05
CA ARG A 27 -14.01 11.47 -8.49
C ARG A 27 -14.12 12.00 -9.93
N ARG A 28 -13.98 13.31 -10.07
CA ARG A 28 -14.09 13.96 -11.38
C ARG A 28 -12.75 14.33 -12.02
N THR A 29 -11.70 14.41 -11.22
CA THR A 29 -10.36 14.74 -11.74
C THR A 29 -9.29 13.89 -11.08
N ALA A 30 -8.10 13.91 -11.65
CA ALA A 30 -6.98 13.14 -11.12
C ALA A 30 -5.74 13.56 -11.87
N VAL A 31 -4.58 13.13 -11.38
CA VAL A 31 -3.34 13.48 -12.03
C VAL A 31 -2.82 12.26 -12.77
N ASP A 32 -2.46 12.42 -14.03
CA ASP A 32 -1.98 11.29 -14.81
C ASP A 32 -0.50 11.04 -14.69
N LEU A 33 -0.01 10.25 -15.64
CA LEU A 33 1.38 9.82 -15.73
C LEU A 33 2.41 10.92 -16.02
N ARG A 34 1.95 12.06 -16.54
CA ARG A 34 2.83 13.18 -16.87
C ARG A 34 2.71 14.33 -15.87
N GLY A 35 1.93 14.13 -14.82
CA GLY A 35 1.75 15.16 -13.81
C GLY A 35 0.58 16.06 -14.15
N ARG A 36 0.06 15.92 -15.37
CA ARG A 36 -1.06 16.71 -15.84
C ARG A 36 -2.38 16.32 -15.17
N GLU A 37 -3.25 17.32 -14.95
CA GLU A 37 -4.55 17.05 -14.34
C GLU A 37 -5.52 16.66 -15.44
N VAL A 38 -6.39 15.70 -15.17
CA VAL A 38 -7.36 15.25 -16.15
C VAL A 38 -8.77 15.06 -15.59
N GLU A 39 -9.72 14.91 -16.49
CA GLU A 39 -11.11 14.71 -16.16
C GLU A 39 -11.37 13.21 -16.14
N VAL A 40 -12.08 12.73 -15.12
CA VAL A 40 -12.39 11.31 -15.03
C VAL A 40 -13.86 11.12 -15.37
N LEU A 41 -14.15 10.40 -16.44
CA LEU A 41 -15.53 10.19 -16.86
C LEU A 41 -16.36 9.35 -15.88
N GLY A 42 -17.66 9.54 -15.92
CA GLY A 42 -18.53 8.82 -15.01
C GLY A 42 -18.95 7.44 -15.47
N GLU A 43 -18.60 7.07 -16.69
CA GLU A 43 -18.95 5.74 -17.17
C GLU A 43 -17.94 5.15 -18.14
N VAL A 44 -17.81 3.83 -18.08
CA VAL A 44 -16.91 3.06 -18.93
C VAL A 44 -17.72 2.14 -19.83
N PRO A 45 -17.20 1.81 -21.02
CA PRO A 45 -17.96 0.92 -21.92
C PRO A 45 -18.02 -0.47 -21.30
N ALA A 46 -19.22 -1.01 -21.18
CA ALA A 46 -19.38 -2.34 -20.58
C ALA A 46 -18.63 -3.42 -21.34
N ALA A 47 -18.82 -4.66 -20.91
CA ALA A 47 -18.18 -5.83 -21.50
C ALA A 47 -18.08 -5.72 -23.02
N GLY A 48 -19.06 -5.03 -23.62
CA GLY A 48 -19.10 -4.84 -25.05
C GLY A 48 -20.42 -4.21 -25.46
N GLY A 49 -20.86 -3.21 -24.69
CA GLY A 49 -22.11 -2.54 -24.98
C GLY A 49 -22.50 -1.43 -24.02
N SER A 50 -23.71 -1.53 -23.48
CA SER A 50 -24.30 -0.57 -22.53
C SER A 50 -23.33 0.18 -21.61
N PRO A 51 -23.73 1.38 -21.14
CA PRO A 51 -22.92 2.21 -20.24
C PRO A 51 -22.84 1.65 -18.83
N LEU A 52 -21.63 1.61 -18.29
CA LEU A 52 -21.39 1.12 -16.94
C LEU A 52 -20.70 2.23 -16.12
N ARG A 53 -21.11 2.39 -14.86
CA ARG A 53 -20.53 3.42 -13.97
C ARG A 53 -19.07 3.15 -13.66
N GLN A 54 -18.26 4.21 -13.67
CA GLN A 54 -16.85 4.06 -13.36
C GLN A 54 -16.53 4.56 -11.95
N TYR A 55 -15.97 3.68 -11.12
CA TYR A 55 -15.59 4.05 -9.76
C TYR A 55 -14.28 3.41 -9.36
N PHE A 56 -13.77 3.76 -8.19
CA PHE A 56 -12.48 3.22 -7.77
C PHE A 56 -12.44 2.70 -6.35
N PHE A 57 -11.40 1.91 -6.07
CA PHE A 57 -11.19 1.36 -4.73
C PHE A 57 -10.01 2.13 -4.15
N GLU A 58 -10.27 3.03 -3.20
CA GLU A 58 -9.18 3.80 -2.63
C GLU A 58 -8.95 3.55 -1.15
N THR A 59 -7.71 3.73 -0.73
CA THR A 59 -7.33 3.52 0.66
C THR A 59 -6.60 4.73 1.21
N ARG A 60 -7.18 5.38 2.22
CA ARG A 60 -6.57 6.56 2.83
C ARG A 60 -6.18 6.22 4.26
N CYS A 61 -5.38 7.09 4.89
CA CYS A 61 -4.98 6.88 6.26
C CYS A 61 -6.16 7.26 7.12
N LYS A 62 -6.32 6.60 8.26
CA LYS A 62 -7.42 6.91 9.16
C LYS A 62 -7.05 8.24 9.80
N ALA A 63 -8.02 9.15 9.89
CA ALA A 63 -7.73 10.45 10.49
C ALA A 63 -7.75 10.37 12.02
N ASP A 64 -6.89 11.15 12.65
CA ASP A 64 -6.82 11.17 14.11
C ASP A 64 -8.04 11.92 14.61
N PRO A 71 -0.76 6.78 17.99
CA PRO A 71 -0.01 5.84 17.14
C PRO A 71 -0.87 5.12 16.11
N GLY A 72 -0.52 5.27 14.83
CA GLY A 72 -1.26 4.60 13.77
C GLY A 72 -2.09 5.51 12.90
N ALA A 73 -2.34 6.73 13.34
CA ALA A 73 -3.14 7.69 12.58
C ALA A 73 -2.33 8.53 11.59
N GLY A 74 -3.03 9.10 10.61
CA GLY A 74 -2.38 9.92 9.60
C GLY A 74 -1.75 11.21 10.11
N GLY A 75 -0.53 11.48 9.65
CA GLY A 75 0.18 12.66 10.09
C GLY A 75 0.92 12.39 11.38
N GLY A 76 0.30 11.58 12.24
CA GLY A 76 0.91 11.24 13.51
C GLY A 76 1.91 10.11 13.35
N GLY A 77 2.69 9.86 14.39
CA GLY A 77 3.69 8.80 14.34
C GLY A 77 3.09 7.43 14.14
N CYS A 78 3.88 6.47 13.66
CA CYS A 78 3.39 5.12 13.41
C CYS A 78 3.52 4.27 14.65
N ARG A 79 2.71 3.22 14.73
CA ARG A 79 2.72 2.31 15.85
C ARG A 79 3.93 1.41 15.72
N GLY A 80 4.62 1.14 16.83
CA GLY A 80 5.78 0.26 16.77
C GLY A 80 7.10 0.91 16.43
N VAL A 81 7.07 2.17 16.00
CA VAL A 81 8.31 2.86 15.68
C VAL A 81 8.99 3.30 16.96
N ASP A 82 10.32 3.18 16.97
CA ASP A 82 11.12 3.58 18.13
C ASP A 82 11.34 5.09 18.16
N ARG A 83 10.53 5.79 18.94
CA ARG A 83 10.64 7.25 19.07
C ARG A 83 11.99 7.75 19.55
N ARG A 84 12.73 6.90 20.28
CA ARG A 84 14.04 7.30 20.79
C ARG A 84 14.99 7.70 19.67
N HIS A 85 14.81 7.11 18.50
CA HIS A 85 15.71 7.40 17.38
C HIS A 85 15.02 7.86 16.11
N TRP A 86 13.69 7.86 16.09
CA TRP A 86 12.98 8.25 14.87
C TRP A 86 11.79 9.19 15.00
N VAL A 87 11.53 9.85 13.88
CA VAL A 87 10.41 10.76 13.74
C VAL A 87 9.67 10.08 12.59
N SER A 88 8.48 9.59 12.87
CA SER A 88 7.68 8.88 11.88
C SER A 88 6.33 9.52 11.61
N GLU A 89 5.80 9.24 10.43
CA GLU A 89 4.50 9.76 10.04
C GLU A 89 3.82 8.78 9.10
N CYS A 90 2.51 8.65 9.27
CA CYS A 90 1.72 7.78 8.43
C CYS A 90 1.30 8.61 7.23
N LYS A 91 1.59 8.10 6.03
CA LYS A 91 1.26 8.83 4.81
C LYS A 91 0.57 7.94 3.78
N ALA A 92 -0.17 8.59 2.89
CA ALA A 92 -0.88 7.86 1.85
C ALA A 92 0.11 7.51 0.76
N LYS A 93 0.07 6.26 0.31
CA LYS A 93 0.94 5.80 -0.75
C LYS A 93 0.01 5.68 -1.95
N GLN A 94 0.44 6.22 -3.09
CA GLN A 94 -0.37 6.18 -4.31
C GLN A 94 0.11 5.12 -5.29
N SER A 95 -0.82 4.64 -6.11
CA SER A 95 -0.51 3.64 -7.11
C SER A 95 -1.21 4.11 -8.38
N TYR A 96 -0.81 3.59 -9.53
CA TYR A 96 -1.42 3.98 -10.80
C TYR A 96 -2.47 2.96 -11.23
N VAL A 97 -3.63 3.45 -11.66
CA VAL A 97 -4.70 2.60 -12.16
C VAL A 97 -5.16 3.23 -13.45
N ARG A 98 -5.73 2.42 -14.33
CA ARG A 98 -6.21 2.94 -15.60
C ARG A 98 -7.61 3.49 -15.45
N ALA A 99 -7.90 4.57 -16.16
CA ALA A 99 -9.22 5.16 -16.07
C ALA A 99 -9.61 5.84 -17.37
N LEU A 100 -10.91 5.85 -17.65
CA LEU A 100 -11.38 6.51 -18.88
C LEU A 100 -11.41 7.98 -18.55
N THR A 101 -10.60 8.74 -19.28
CA THR A 101 -10.49 10.16 -18.99
C THR A 101 -10.48 11.07 -20.19
N ALA A 102 -10.45 12.37 -19.91
CA ALA A 102 -10.42 13.40 -20.93
C ALA A 102 -9.40 14.42 -20.49
N ASP A 103 -8.49 14.81 -21.37
CA ASP A 103 -7.45 15.79 -21.02
C ASP A 103 -7.88 17.26 -21.21
N ALA A 104 -6.98 18.16 -20.84
CA ALA A 104 -7.19 19.61 -20.93
C ALA A 104 -7.91 20.02 -22.21
N GLN A 105 -7.43 19.53 -23.34
CA GLN A 105 -8.04 19.85 -24.63
C GLN A 105 -9.45 19.27 -24.65
N GLY A 106 -9.55 17.97 -24.86
CA GLY A 106 -10.85 17.32 -24.90
C GLY A 106 -10.77 15.86 -25.30
N ARG A 107 -9.56 15.41 -25.59
CA ARG A 107 -9.31 14.03 -26.01
C ARG A 107 -9.68 13.01 -24.93
N VAL A 108 -10.64 12.15 -25.23
CA VAL A 108 -11.12 11.11 -24.33
C VAL A 108 -10.31 9.85 -24.55
N GLY A 109 -10.09 9.09 -23.47
CA GLY A 109 -9.33 7.86 -23.57
C GLY A 109 -8.77 7.33 -22.26
N TRP A 110 -8.21 6.12 -22.32
CA TRP A 110 -7.63 5.47 -21.15
C TRP A 110 -6.26 5.99 -20.77
N ARG A 111 -6.15 6.47 -19.54
CA ARG A 111 -4.90 7.00 -19.03
C ARG A 111 -4.61 6.45 -17.64
N TRP A 112 -3.34 6.46 -17.26
CA TRP A 112 -2.97 5.99 -15.94
C TRP A 112 -3.05 7.16 -14.98
N ILE A 113 -4.03 7.17 -14.10
CA ILE A 113 -4.14 8.25 -13.14
C ILE A 113 -3.62 7.72 -11.82
N ARG A 114 -3.32 8.60 -10.87
CA ARG A 114 -2.82 8.12 -9.59
C ARG A 114 -3.88 8.26 -8.52
N ILE A 115 -4.01 7.22 -7.71
CA ILE A 115 -4.98 7.19 -6.63
C ILE A 115 -4.30 6.68 -5.34
N ASP A 116 -4.96 6.89 -4.19
CA ASP A 116 -4.41 6.43 -2.92
C ASP A 116 -4.80 4.96 -2.75
N THR A 117 -3.82 4.12 -2.43
CA THR A 117 -4.13 2.70 -2.24
C THR A 117 -3.57 2.12 -0.95
N ALA A 118 -2.93 2.96 -0.14
CA ALA A 118 -2.37 2.48 1.11
C ALA A 118 -1.85 3.59 1.99
N CYS A 119 -1.67 3.25 3.27
CA CYS A 119 -1.13 4.18 4.23
C CYS A 119 0.16 3.52 4.74
N VAL A 120 1.29 4.12 4.40
CA VAL A 120 2.59 3.59 4.80
C VAL A 120 3.25 4.45 5.86
N CYS A 121 4.34 3.95 6.44
CA CYS A 121 5.06 4.68 7.48
C CYS A 121 6.38 5.21 6.94
N THR A 122 6.66 6.47 7.22
CA THR A 122 7.89 7.12 6.76
C THR A 122 8.74 7.50 7.97
N LEU A 123 10.07 7.42 7.81
CA LEU A 123 10.99 7.70 8.90
C LEU A 123 12.02 8.81 8.68
N LEU A 124 12.51 9.34 9.79
CA LEU A 124 13.56 10.36 9.80
C LEU A 124 14.31 10.23 11.11
N SER A 125 15.62 10.07 11.04
CA SER A 125 16.45 9.95 12.22
C SER A 125 16.34 11.24 13.03
N ARG A 126 16.16 11.12 14.34
CA ARG A 126 16.03 12.29 15.23
C ARG A 126 17.01 13.42 14.94
N THR A 127 18.30 13.12 15.09
CA THR A 127 19.35 14.11 14.85
C THR A 127 19.64 14.22 13.36
N THR B 5 27.53 5.68 -2.51
CA THR B 5 26.34 5.71 -1.60
C THR B 5 26.32 6.97 -0.75
N ALA B 6 25.13 7.55 -0.60
CA ALA B 6 24.95 8.74 0.21
C ALA B 6 24.26 8.39 1.53
N PRO B 7 24.78 8.91 2.65
CA PRO B 7 24.21 8.65 3.98
C PRO B 7 22.69 8.81 4.02
N ALA B 8 22.03 7.87 4.68
CA ALA B 8 20.57 7.91 4.80
C ALA B 8 20.10 9.27 5.30
N SER B 9 21.01 9.99 5.93
CA SER B 9 20.69 11.31 6.48
C SER B 9 20.61 12.41 5.41
N ARG B 10 21.47 12.33 4.41
CA ARG B 10 21.51 13.29 3.32
C ARG B 10 20.33 13.15 2.37
N ARG B 11 19.58 12.06 2.53
CA ARG B 11 18.42 11.83 1.70
C ARG B 11 17.22 12.18 2.58
N GLY B 12 16.02 11.88 2.10
CA GLY B 12 14.82 12.22 2.87
C GLY B 12 14.13 11.10 3.61
N GLU B 13 12.81 11.24 3.74
CA GLU B 13 11.98 10.26 4.43
C GLU B 13 12.32 8.85 3.99
N LEU B 14 12.57 7.96 4.94
CA LEU B 14 12.90 6.58 4.61
C LEU B 14 11.66 5.72 4.72
N ALA B 15 11.66 4.60 4.01
CA ALA B 15 10.52 3.70 4.07
C ALA B 15 10.82 2.65 5.12
N VAL B 16 9.81 2.22 5.83
CA VAL B 16 9.98 1.20 6.84
C VAL B 16 10.21 -0.11 6.11
N CYS B 17 9.68 -0.19 4.90
CA CYS B 17 9.81 -1.39 4.06
C CYS B 17 10.08 -0.97 2.63
N ASP B 18 11.09 -1.56 2.01
CA ASP B 18 11.46 -1.24 0.62
C ASP B 18 10.49 -1.86 -0.37
N ALA B 19 10.10 -1.08 -1.37
CA ALA B 19 9.18 -1.57 -2.39
C ALA B 19 9.75 -1.45 -3.79
N VAL B 20 9.12 -2.15 -4.72
CA VAL B 20 9.53 -2.14 -6.12
C VAL B 20 8.25 -2.07 -6.93
N SER B 21 8.14 -1.08 -7.80
CA SER B 21 6.97 -0.96 -8.63
C SER B 21 7.34 -1.27 -10.07
N GLY B 22 6.35 -1.62 -10.88
CA GLY B 22 6.62 -1.91 -12.27
C GLY B 22 5.35 -2.39 -12.95
N TRP B 23 5.38 -2.47 -14.27
CA TRP B 23 4.22 -2.91 -15.02
C TRP B 23 4.13 -4.42 -15.11
N VAL B 24 2.93 -4.94 -14.96
CA VAL B 24 2.71 -6.37 -15.06
C VAL B 24 1.85 -6.61 -16.29
N THR B 25 2.48 -7.15 -17.33
CA THR B 25 1.76 -7.42 -18.58
C THR B 25 1.40 -8.87 -18.76
N ASP B 26 1.82 -9.73 -17.82
CA ASP B 26 1.52 -11.15 -17.97
C ASP B 26 0.73 -11.81 -16.84
N ARG B 27 -0.12 -11.04 -16.16
CA ARG B 27 -0.93 -11.65 -15.10
C ARG B 27 -2.12 -12.26 -15.83
N ARG B 28 -2.20 -13.58 -15.85
CA ARG B 28 -3.28 -14.25 -16.56
C ARG B 28 -4.45 -14.67 -15.69
N THR B 29 -4.23 -14.63 -14.38
CA THR B 29 -5.26 -15.00 -13.42
C THR B 29 -5.21 -14.08 -12.22
N ALA B 30 -6.34 -13.98 -11.54
CA ALA B 30 -6.44 -13.16 -10.34
C ALA B 30 -7.58 -13.68 -9.47
N VAL B 31 -7.71 -13.08 -8.29
CA VAL B 31 -8.76 -13.44 -7.35
C VAL B 31 -9.66 -12.22 -7.21
N ASP B 32 -10.96 -12.40 -7.39
CA ASP B 32 -11.87 -11.27 -7.29
C ASP B 32 -12.29 -11.01 -5.86
N LEU B 33 -13.22 -10.08 -5.68
CA LEU B 33 -13.72 -9.72 -4.35
C LEU B 33 -14.65 -10.75 -3.74
N ARG B 34 -14.69 -11.94 -4.31
CA ARG B 34 -15.56 -13.00 -3.80
C ARG B 34 -14.72 -14.26 -3.60
N GLY B 35 -13.40 -14.08 -3.74
CA GLY B 35 -12.48 -15.19 -3.58
C GLY B 35 -12.39 -16.18 -4.71
N ARG B 36 -13.05 -15.93 -5.85
CA ARG B 36 -13.00 -16.87 -6.96
C ARG B 36 -11.86 -16.54 -7.92
N GLU B 37 -11.26 -17.58 -8.52
CA GLU B 37 -10.16 -17.41 -9.47
C GLU B 37 -10.74 -17.00 -10.82
N VAL B 38 -10.16 -15.98 -11.45
CA VAL B 38 -10.67 -15.49 -12.74
C VAL B 38 -9.56 -15.30 -13.76
N GLU B 39 -9.92 -15.38 -15.04
CA GLU B 39 -8.94 -15.20 -16.11
C GLU B 39 -8.91 -13.74 -16.47
N VAL B 40 -7.71 -13.21 -16.63
CA VAL B 40 -7.53 -11.82 -16.99
C VAL B 40 -7.32 -11.74 -18.47
N LEU B 41 -8.28 -11.14 -19.18
CA LEU B 41 -8.16 -11.01 -20.61
C LEU B 41 -6.94 -10.17 -20.99
N GLY B 42 -6.41 -10.45 -22.17
CA GLY B 42 -5.25 -9.73 -22.64
C GLY B 42 -5.57 -8.35 -23.18
N GLU B 43 -6.82 -8.08 -23.49
CA GLU B 43 -7.16 -6.77 -24.04
C GLU B 43 -8.43 -6.18 -23.45
N VAL B 44 -8.44 -4.87 -23.26
CA VAL B 44 -9.56 -4.13 -22.69
C VAL B 44 -10.29 -3.29 -23.77
N PRO B 45 -11.55 -2.87 -23.49
CA PRO B 45 -12.35 -2.07 -24.44
C PRO B 45 -11.58 -0.92 -25.08
N ALA B 46 -12.18 -0.29 -26.08
CA ALA B 46 -11.51 0.81 -26.78
C ALA B 46 -11.86 2.21 -26.29
N ALA B 47 -11.00 3.15 -26.67
CA ALA B 47 -11.14 4.56 -26.35
C ALA B 47 -11.23 5.31 -27.68
N SER B 50 -9.40 0.83 -31.86
CA SER B 50 -8.43 -0.25 -31.86
C SER B 50 -8.36 -0.96 -30.50
N PRO B 51 -7.60 -2.08 -30.42
CA PRO B 51 -7.47 -2.82 -29.15
C PRO B 51 -6.89 -1.97 -28.03
N LEU B 52 -6.08 -2.61 -27.17
CA LEU B 52 -5.42 -1.96 -26.04
C LEU B 52 -5.09 -3.06 -25.02
N ARG B 53 -3.84 -3.49 -24.97
CA ARG B 53 -3.44 -4.54 -24.05
C ARG B 53 -3.71 -4.17 -22.60
N GLN B 54 -4.25 -5.11 -21.85
CA GLN B 54 -4.55 -4.87 -20.45
C GLN B 54 -3.36 -5.31 -19.62
N TYR B 55 -2.88 -4.40 -18.78
CA TYR B 55 -1.78 -4.70 -17.89
C TYR B 55 -1.93 -3.88 -16.62
N PHE B 56 -1.10 -4.11 -15.63
CA PHE B 56 -1.26 -3.40 -14.37
C PHE B 56 -0.01 -2.78 -13.82
N PHE B 57 -0.21 -1.93 -12.83
CA PHE B 57 0.88 -1.27 -12.12
C PHE B 57 0.91 -1.91 -10.74
N GLU B 58 1.89 -2.75 -10.49
CA GLU B 58 1.95 -3.40 -9.19
C GLU B 58 3.17 -2.99 -8.37
N THR B 59 3.06 -3.16 -7.07
CA THR B 59 4.13 -2.81 -6.15
C THR B 59 4.29 -3.90 -5.10
N ARG B 60 5.49 -4.47 -5.04
CA ARG B 60 5.79 -5.53 -4.08
C ARG B 60 6.92 -5.16 -3.12
N CYS B 61 7.16 -6.01 -2.14
CA CYS B 61 8.23 -5.80 -1.18
C CYS B 61 9.54 -6.22 -1.82
N LYS B 62 10.61 -5.43 -1.60
CA LYS B 62 11.90 -5.76 -2.17
C LYS B 62 12.25 -7.20 -1.82
N ALA B 63 12.35 -8.04 -2.84
CA ALA B 63 12.65 -9.47 -2.68
C ALA B 63 14.01 -9.78 -2.05
N ASP B 64 13.97 -10.47 -0.91
CA ASP B 64 15.19 -10.85 -0.21
C ASP B 64 14.87 -11.86 0.88
N ALA B 66 17.14 -13.81 0.60
CA ALA B 66 17.39 -15.18 1.00
C ALA B 66 18.28 -15.23 2.24
N GLU B 67 19.14 -14.22 2.38
CA GLU B 67 20.05 -14.13 3.52
C GLU B 67 19.49 -13.26 4.66
N GLU B 68 18.69 -13.88 5.52
CA GLU B 68 18.06 -13.20 6.65
C GLU B 68 18.99 -12.29 7.44
N GLY B 69 18.40 -11.27 8.08
CA GLY B 69 19.19 -10.34 8.87
C GLY B 69 18.87 -8.87 8.65
N GLY B 70 19.24 -8.35 7.48
CA GLY B 70 19.03 -6.95 7.16
C GLY B 70 17.61 -6.42 7.31
N PRO B 71 17.42 -5.30 8.04
CA PRO B 71 16.12 -4.65 8.29
C PRO B 71 15.54 -3.96 7.05
N GLY B 72 14.21 -3.93 6.97
CA GLY B 72 13.55 -3.29 5.87
C GLY B 72 13.32 -4.15 4.65
N ALA B 73 13.65 -5.44 4.75
CA ALA B 73 13.48 -6.36 3.63
C ALA B 73 12.27 -7.28 3.78
N GLY B 74 11.55 -7.48 2.67
CA GLY B 74 10.36 -8.32 2.68
C GLY B 74 10.59 -9.71 3.23
N GLY B 75 9.92 -10.01 4.34
CA GLY B 75 10.07 -11.32 4.98
C GLY B 75 10.84 -11.19 6.28
N GLY B 76 11.45 -10.03 6.50
CA GLY B 76 12.21 -9.78 7.71
C GLY B 76 11.65 -8.61 8.51
N GLY B 77 12.41 -8.10 9.47
CA GLY B 77 11.94 -6.98 10.27
C GLY B 77 11.87 -5.67 9.52
N CYS B 78 11.10 -4.70 10.03
CA CYS B 78 10.97 -3.41 9.37
C CYS B 78 11.95 -2.42 9.98
N ARG B 79 12.31 -1.43 9.18
CA ARG B 79 13.24 -0.40 9.61
C ARG B 79 12.57 0.56 10.62
N GLY B 80 13.26 0.82 11.72
CA GLY B 80 12.73 1.74 12.72
C GLY B 80 11.78 1.22 13.80
N VAL B 81 11.46 -0.06 13.75
CA VAL B 81 10.54 -0.63 14.74
C VAL B 81 11.29 -0.96 16.02
N ASP B 82 10.64 -0.70 17.16
CA ASP B 82 11.28 -0.98 18.44
C ASP B 82 11.22 -2.46 18.77
N ARG B 83 12.34 -3.15 18.56
CA ARG B 83 12.41 -4.58 18.83
C ARG B 83 12.26 -4.95 20.31
N ARG B 84 12.40 -3.97 21.19
CA ARG B 84 12.25 -4.25 22.61
C ARG B 84 10.81 -4.67 22.91
N HIS B 85 9.87 -4.19 22.11
CA HIS B 85 8.48 -4.50 22.36
C HIS B 85 7.73 -5.10 21.20
N TRP B 86 8.32 -5.05 20.00
CA TRP B 86 7.63 -5.59 18.85
C TRP B 86 8.43 -6.48 17.94
N VAL B 87 7.71 -7.38 17.28
CA VAL B 87 8.26 -8.29 16.29
C VAL B 87 7.50 -7.85 15.05
N SER B 88 8.24 -7.39 14.05
CA SER B 88 7.59 -6.92 12.83
C SER B 88 7.97 -7.70 11.58
N GLU B 89 7.21 -7.47 10.53
CA GLU B 89 7.43 -8.13 9.24
C GLU B 89 6.91 -7.26 8.10
N CYS B 90 7.69 -7.14 7.04
CA CYS B 90 7.25 -6.36 5.89
C CYS B 90 6.42 -7.29 5.00
N LYS B 91 5.19 -6.88 4.71
CA LYS B 91 4.28 -7.69 3.90
C LYS B 91 3.70 -6.94 2.70
N ALA B 92 3.20 -7.70 1.74
CA ALA B 92 2.59 -7.10 0.59
C ALA B 92 1.19 -6.70 1.03
N LYS B 93 0.71 -5.60 0.48
CA LYS B 93 -0.60 -5.08 0.79
C LYS B 93 -1.33 -5.06 -0.55
N GLN B 94 -2.54 -5.62 -0.57
CA GLN B 94 -3.28 -5.64 -1.81
C GLN B 94 -4.49 -4.73 -1.80
N SER B 95 -4.93 -4.37 -2.98
CA SER B 95 -6.12 -3.55 -3.10
C SER B 95 -6.79 -4.03 -4.35
N TYR B 96 -7.96 -3.49 -4.65
CA TYR B 96 -8.69 -3.90 -5.83
C TYR B 96 -8.60 -2.90 -6.98
N VAL B 97 -8.59 -3.43 -8.20
CA VAL B 97 -8.60 -2.61 -9.41
C VAL B 97 -9.53 -3.39 -10.32
N ARG B 98 -10.36 -2.66 -11.07
CA ARG B 98 -11.32 -3.30 -11.97
C ARG B 98 -10.67 -3.82 -13.24
N ALA B 99 -10.99 -5.06 -13.61
CA ALA B 99 -10.37 -5.65 -14.80
C ALA B 99 -11.32 -6.46 -15.66
N LEU B 100 -11.08 -6.44 -16.97
CA LEU B 100 -11.88 -7.19 -17.94
C LEU B 100 -11.46 -8.64 -17.73
N THR B 101 -12.41 -9.46 -17.30
CA THR B 101 -12.11 -10.83 -16.95
C THR B 101 -13.10 -11.86 -17.46
N ALA B 102 -12.77 -13.13 -17.21
CA ALA B 102 -13.62 -14.24 -17.59
C ALA B 102 -13.64 -15.16 -16.38
N ASP B 103 -14.83 -15.59 -15.98
CA ASP B 103 -14.97 -16.49 -14.85
C ASP B 103 -14.86 -17.96 -15.28
N ALA B 104 -15.04 -18.87 -14.33
CA ALA B 104 -14.95 -20.29 -14.61
C ALA B 104 -15.95 -20.74 -15.69
N GLN B 105 -17.06 -20.01 -15.81
CA GLN B 105 -18.08 -20.33 -16.80
C GLN B 105 -17.73 -19.57 -18.09
N GLY B 106 -16.62 -18.85 -18.06
CA GLY B 106 -16.19 -18.11 -19.23
C GLY B 106 -16.85 -16.76 -19.45
N ARG B 107 -17.86 -16.44 -18.66
CA ARG B 107 -18.55 -15.16 -18.79
C ARG B 107 -17.62 -13.97 -18.66
N VAL B 108 -17.60 -13.13 -19.69
CA VAL B 108 -16.74 -11.94 -19.73
C VAL B 108 -17.37 -10.75 -19.03
N GLY B 109 -16.53 -9.93 -18.39
CA GLY B 109 -17.05 -8.75 -17.71
C GLY B 109 -16.02 -8.10 -16.81
N TRP B 110 -16.23 -6.82 -16.49
CA TRP B 110 -15.33 -6.11 -15.59
C TRP B 110 -15.50 -6.69 -14.20
N ARG B 111 -14.39 -6.94 -13.51
CA ARG B 111 -14.46 -7.46 -12.17
C ARG B 111 -13.38 -6.86 -11.33
N TRP B 112 -13.65 -6.77 -10.04
CA TRP B 112 -12.69 -6.24 -9.09
C TRP B 112 -11.75 -7.35 -8.68
N ILE B 113 -10.48 -7.21 -9.04
CA ILE B 113 -9.47 -8.21 -8.69
C ILE B 113 -8.39 -7.59 -7.82
N ARG B 114 -7.78 -8.42 -6.97
CA ARG B 114 -6.74 -7.95 -6.09
C ARG B 114 -5.35 -8.07 -6.71
N ILE B 115 -4.54 -7.05 -6.47
CA ILE B 115 -3.15 -6.98 -6.95
C ILE B 115 -2.31 -6.34 -5.84
N ASP B 116 -0.99 -6.50 -5.92
CA ASP B 116 -0.13 -5.90 -4.91
C ASP B 116 0.07 -4.43 -5.24
N THR B 117 -0.26 -3.54 -4.29
CA THR B 117 -0.09 -2.11 -4.52
C THR B 117 0.80 -1.43 -3.51
N ALA B 118 1.35 -2.21 -2.59
CA ALA B 118 2.21 -1.65 -1.58
C ALA B 118 2.87 -2.69 -0.71
N CYS B 119 3.93 -2.28 -0.02
CA CYS B 119 4.64 -3.14 0.91
C CYS B 119 4.45 -2.43 2.26
N VAL B 120 3.87 -3.10 3.24
CA VAL B 120 3.63 -2.48 4.54
C VAL B 120 4.21 -3.24 5.74
N CYS B 121 4.33 -2.55 6.88
CA CYS B 121 4.87 -3.18 8.09
C CYS B 121 3.77 -3.67 9.05
N THR B 122 3.94 -4.87 9.59
CA THR B 122 2.96 -5.38 10.53
C THR B 122 3.63 -5.68 11.88
N LEU B 123 2.84 -5.61 12.94
CA LEU B 123 3.36 -5.85 14.29
C LEU B 123 2.84 -7.07 15.04
N LEU B 124 3.55 -7.41 16.11
CA LEU B 124 3.22 -8.51 17.03
C LEU B 124 3.94 -8.19 18.34
N SER B 125 3.18 -7.83 19.37
CA SER B 125 3.75 -7.48 20.67
C SER B 125 4.60 -8.58 21.25
N ARG B 126 5.52 -8.17 22.13
CA ARG B 126 6.46 -9.07 22.78
C ARG B 126 6.88 -8.34 24.06
N THR B 127 6.35 -7.14 24.22
CA THR B 127 6.62 -6.25 25.35
C THR B 127 6.53 -6.94 26.70
N GLY B 128 6.89 -6.20 27.75
CA GLY B 128 6.85 -6.73 29.10
C GLY B 128 5.88 -5.96 29.96
N SER C 1 -12.63 -30.42 33.15
CA SER C 1 -13.17 -31.80 33.06
C SER C 1 -14.11 -31.94 31.87
N HIS C 2 -15.39 -31.67 32.10
CA HIS C 2 -16.40 -31.78 31.06
C HIS C 2 -17.22 -30.51 30.95
N MET C 3 -17.11 -29.85 29.80
CA MET C 3 -17.82 -28.60 29.56
C MET C 3 -18.40 -28.54 28.15
N ALA C 4 -19.69 -28.24 28.08
CA ALA C 4 -20.32 -28.08 26.79
C ALA C 4 -19.81 -26.71 26.33
N PRO C 5 -19.82 -26.46 25.02
CA PRO C 5 -19.35 -25.18 24.50
C PRO C 5 -20.11 -23.96 25.01
N THR C 6 -19.41 -22.85 25.08
CA THR C 6 -20.01 -21.58 25.51
C THR C 6 -19.24 -20.49 24.80
N ILE C 7 -19.96 -19.63 24.07
CA ILE C 7 -19.34 -18.51 23.37
C ILE C 7 -19.55 -17.38 24.34
N THR C 8 -18.51 -17.07 25.10
CA THR C 8 -18.60 -16.04 26.12
C THR C 8 -18.26 -14.64 25.62
N PHE C 9 -17.84 -14.55 24.37
CA PHE C 9 -17.47 -13.27 23.78
C PHE C 9 -17.46 -13.32 22.25
N LEU C 10 -18.21 -12.42 21.63
CA LEU C 10 -18.30 -12.30 20.17
C LEU C 10 -18.70 -10.84 19.89
N GLU C 11 -17.83 -10.09 19.22
CA GLU C 11 -18.14 -8.69 18.95
C GLU C 11 -17.94 -8.25 17.52
N SER C 12 -18.25 -6.96 17.29
CA SER C 12 -18.11 -6.35 15.98
C SER C 12 -16.66 -6.39 15.57
N PRO C 13 -16.42 -6.45 14.25
CA PRO C 13 -15.06 -6.52 13.73
C PRO C 13 -14.22 -5.26 13.93
N THR C 14 -12.92 -5.47 14.14
CA THR C 14 -11.98 -4.37 14.29
C THR C 14 -11.10 -4.46 13.06
N SER C 15 -10.56 -3.32 12.67
CA SER C 15 -9.69 -3.23 11.51
C SER C 15 -8.23 -3.14 11.99
N ASP C 16 -7.47 -4.19 11.71
CA ASP C 16 -6.05 -4.24 12.06
C ASP C 16 -5.35 -4.35 10.73
N HIS C 17 -4.41 -5.28 10.61
CA HIS C 17 -3.77 -5.46 9.31
C HIS C 17 -4.88 -6.02 8.44
N HIS C 18 -5.57 -7.02 8.99
CA HIS C 18 -6.73 -7.65 8.37
C HIS C 18 -7.87 -7.28 9.30
N TRP C 19 -9.11 -7.60 8.93
CA TRP C 19 -10.22 -7.33 9.82
C TRP C 19 -10.39 -8.53 10.72
N CYS C 20 -10.83 -8.30 11.95
CA CYS C 20 -11.03 -9.39 12.90
C CYS C 20 -12.38 -9.38 13.61
N ILE C 21 -13.16 -10.45 13.45
CA ILE C 21 -14.42 -10.56 14.19
C ILE C 21 -13.95 -11.34 15.42
N PRO C 22 -13.72 -10.65 16.52
CA PRO C 22 -13.26 -11.28 17.76
C PRO C 22 -14.23 -12.22 18.44
N PHE C 23 -13.68 -13.18 19.17
CA PHE C 23 -14.50 -14.13 19.92
C PHE C 23 -13.73 -14.89 20.99
N THR C 24 -14.47 -15.55 21.86
CA THR C 24 -13.90 -16.37 22.91
C THR C 24 -14.84 -17.52 23.12
N VAL C 25 -14.30 -18.72 23.15
CA VAL C 25 -15.10 -19.91 23.35
C VAL C 25 -14.50 -20.76 24.46
N LYS C 26 -15.37 -21.33 25.30
CA LYS C 26 -14.93 -22.21 26.39
C LYS C 26 -15.50 -23.59 26.13
N GLY C 27 -14.82 -24.61 26.62
CA GLY C 27 -15.30 -25.97 26.42
C GLY C 27 -14.21 -26.99 26.51
N ASN C 28 -14.59 -28.23 26.83
CA ASN C 28 -13.65 -29.34 26.96
C ASN C 28 -14.40 -30.64 26.74
N PRO C 29 -14.01 -31.41 25.72
CA PRO C 29 -12.95 -31.15 24.75
C PRO C 29 -13.12 -29.90 23.88
N LYS C 30 -11.99 -29.45 23.31
CA LYS C 30 -11.93 -28.28 22.45
C LYS C 30 -13.05 -28.33 21.43
N PRO C 31 -13.92 -27.30 21.41
CA PRO C 31 -15.04 -27.22 20.48
C PRO C 31 -14.63 -27.07 19.02
N ALA C 32 -15.45 -27.60 18.12
CA ALA C 32 -15.20 -27.46 16.70
C ALA C 32 -15.95 -26.18 16.32
N LEU C 33 -15.29 -25.26 15.63
CA LEU C 33 -15.95 -24.01 15.27
C LEU C 33 -16.49 -24.03 13.85
N GLN C 34 -17.53 -23.25 13.62
CA GLN C 34 -18.19 -23.19 12.33
C GLN C 34 -18.87 -21.84 12.22
N TRP C 35 -18.86 -21.25 11.04
CA TRP C 35 -19.50 -19.95 10.87
C TRP C 35 -20.62 -20.02 9.86
N PHE C 36 -21.58 -19.15 10.02
CA PHE C 36 -22.70 -19.04 9.10
C PHE C 36 -22.81 -17.59 8.72
N TYR C 37 -22.90 -17.31 7.43
CA TYR C 37 -23.02 -15.95 6.94
C TYR C 37 -24.41 -15.81 6.35
N ASN C 38 -25.12 -14.75 6.72
CA ASN C 38 -26.49 -14.50 6.26
C ASN C 38 -27.31 -15.78 6.14
N GLY C 39 -27.46 -16.51 7.24
CA GLY C 39 -28.24 -17.73 7.20
C GLY C 39 -27.52 -18.95 6.65
N ALA C 40 -26.76 -18.77 5.58
CA ALA C 40 -26.03 -19.89 4.96
C ALA C 40 -24.65 -20.12 5.58
N ILE C 41 -24.17 -21.36 5.46
CA ILE C 41 -22.87 -21.77 5.98
C ILE C 41 -21.72 -21.10 5.25
N LEU C 42 -20.78 -20.56 6.01
CA LEU C 42 -19.63 -19.88 5.45
C LEU C 42 -18.48 -20.84 5.13
N ASN C 43 -18.20 -21.03 3.86
CA ASN C 43 -17.11 -21.92 3.47
C ASN C 43 -15.82 -21.12 3.50
N GLU C 44 -14.99 -21.43 4.50
CA GLU C 44 -13.74 -20.72 4.70
C GLU C 44 -12.71 -20.90 3.59
N SER C 45 -11.86 -19.90 3.43
CA SER C 45 -10.81 -19.91 2.42
C SER C 45 -9.61 -19.18 3.00
N LYS C 46 -8.58 -18.97 2.20
CA LYS C 46 -7.41 -18.27 2.69
C LYS C 46 -7.73 -16.79 2.86
N TYR C 47 -8.95 -16.40 2.50
CA TYR C 47 -9.33 -15.01 2.62
C TYR C 47 -10.24 -14.74 3.80
N ILE C 48 -10.94 -15.79 4.24
CA ILE C 48 -11.85 -15.71 5.38
C ILE C 48 -11.71 -17.04 6.11
N CYS C 49 -11.07 -17.01 7.26
CA CYS C 49 -10.89 -18.25 8.03
C CYS C 49 -10.81 -17.97 9.51
N THR C 50 -11.04 -19.01 10.29
CA THR C 50 -11.02 -18.97 11.75
C THR C 50 -9.59 -19.15 12.27
N LYS C 51 -9.15 -18.26 13.13
CA LYS C 51 -7.83 -18.39 13.71
C LYS C 51 -7.93 -18.34 15.23
N ILE C 52 -7.23 -19.24 15.91
CA ILE C 52 -7.18 -19.21 17.36
C ILE C 52 -5.80 -18.68 17.68
N HIS C 53 -5.75 -17.47 18.22
CA HIS C 53 -4.48 -16.86 18.56
C HIS C 53 -4.00 -17.25 19.92
N VAL C 54 -4.95 -17.46 20.83
CA VAL C 54 -4.60 -17.81 22.18
C VAL C 54 -5.51 -18.86 22.74
N THR C 55 -4.90 -19.90 23.27
CA THR C 55 -5.66 -20.95 23.90
C THR C 55 -5.12 -21.08 25.30
N ASN C 56 -5.97 -20.86 26.28
CA ASN C 56 -5.53 -21.02 27.64
C ASN C 56 -5.86 -22.42 28.09
N HIS C 57 -6.57 -22.56 29.19
CA HIS C 57 -6.87 -23.91 29.64
C HIS C 57 -7.98 -24.46 28.75
N THR C 58 -9.20 -24.02 29.03
CA THR C 58 -10.35 -24.46 28.28
C THR C 58 -10.92 -23.28 27.52
N GLU C 59 -10.21 -22.16 27.58
CA GLU C 59 -10.62 -20.95 26.89
C GLU C 59 -9.84 -20.78 25.59
N TYR C 60 -10.55 -20.44 24.51
CA TYR C 60 -9.93 -20.23 23.21
C TYR C 60 -10.28 -18.84 22.70
N HIS C 61 -9.25 -18.06 22.39
CA HIS C 61 -9.43 -16.69 21.90
C HIS C 61 -9.00 -16.59 20.44
N GLY C 62 -9.86 -16.07 19.60
CA GLY C 62 -9.50 -15.96 18.20
C GLY C 62 -10.36 -14.97 17.43
N CYS C 63 -10.24 -15.05 16.11
CA CYS C 63 -10.99 -14.16 15.23
C CYS C 63 -11.40 -14.94 14.02
N LEU C 64 -12.33 -14.36 13.27
CA LEU C 64 -12.69 -14.87 11.98
C LEU C 64 -11.80 -13.84 11.28
N GLN C 65 -10.75 -14.28 10.60
CA GLN C 65 -9.88 -13.32 9.95
C GLN C 65 -10.39 -13.03 8.54
N LEU C 66 -10.42 -11.75 8.17
CA LEU C 66 -10.88 -11.34 6.84
C LEU C 66 -9.85 -10.47 6.11
N ASP C 67 -9.44 -10.94 4.94
CA ASP C 67 -8.48 -10.26 4.08
C ASP C 67 -9.20 -9.37 3.06
N ASN C 68 -9.00 -8.06 3.16
CA ASN C 68 -9.62 -7.08 2.24
C ASN C 68 -11.12 -7.21 2.03
N PRO C 69 -11.90 -7.20 3.11
CA PRO C 69 -13.33 -7.33 2.93
C PRO C 69 -13.90 -6.08 2.25
N THR C 70 -15.16 -6.17 1.84
CA THR C 70 -15.83 -5.05 1.18
C THR C 70 -17.30 -5.12 1.60
N HIS C 71 -18.15 -4.34 0.95
CA HIS C 71 -19.57 -4.39 1.28
C HIS C 71 -20.14 -5.78 0.98
N MET C 72 -19.48 -6.54 0.11
CA MET C 72 -19.95 -7.88 -0.23
C MET C 72 -19.94 -8.82 0.98
N ASN C 73 -19.15 -8.47 1.99
CA ASN C 73 -19.07 -9.30 3.19
C ASN C 73 -19.89 -8.73 4.33
N ASN C 74 -20.54 -7.59 4.11
CA ASN C 74 -21.37 -7.01 5.15
C ASN C 74 -22.51 -8.00 5.45
N GLY C 75 -22.87 -8.13 6.72
CA GLY C 75 -23.94 -9.06 7.02
C GLY C 75 -23.94 -9.62 8.43
N ASP C 76 -24.75 -10.66 8.60
CA ASP C 76 -24.90 -11.34 9.88
C ASP C 76 -23.98 -12.54 9.98
N TYR C 77 -23.17 -12.58 11.04
CA TYR C 77 -22.26 -13.70 11.23
C TYR C 77 -22.62 -14.48 12.46
N THR C 78 -22.79 -15.79 12.29
CA THR C 78 -23.14 -16.64 13.40
C THR C 78 -22.03 -17.62 13.71
N LEU C 79 -21.59 -17.62 14.96
CA LEU C 79 -20.54 -18.54 15.38
C LEU C 79 -21.22 -19.69 16.10
N ILE C 80 -20.77 -20.90 15.77
CA ILE C 80 -21.34 -22.10 16.32
C ILE C 80 -20.26 -23.01 16.87
N ALA C 81 -20.22 -23.18 18.18
CA ALA C 81 -19.24 -24.05 18.82
C ALA C 81 -19.95 -25.34 19.17
N LYS C 82 -19.27 -26.47 18.95
CA LYS C 82 -19.89 -27.76 19.22
C LYS C 82 -18.88 -28.84 19.61
N ASN C 83 -19.23 -29.61 20.65
CA ASN C 83 -18.41 -30.73 21.07
C ASN C 83 -19.35 -31.85 21.52
N GLU C 84 -18.80 -32.95 22.01
CA GLU C 84 -19.64 -34.06 22.42
C GLU C 84 -20.72 -33.76 23.47
N TYR C 85 -20.56 -32.70 24.25
CA TYR C 85 -21.54 -32.40 25.30
C TYR C 85 -22.63 -31.40 24.96
N GLY C 86 -22.56 -30.79 23.79
CA GLY C 86 -23.58 -29.84 23.44
C GLY C 86 -23.08 -28.83 22.45
N LYS C 87 -23.71 -27.67 22.42
CA LYS C 87 -23.29 -26.61 21.52
C LYS C 87 -23.81 -25.27 21.97
N ASP C 88 -23.28 -24.21 21.36
CA ASP C 88 -23.70 -22.87 21.69
C ASP C 88 -23.67 -22.10 20.40
N GLU C 89 -24.50 -21.06 20.32
CA GLU C 89 -24.60 -20.21 19.14
C GLU C 89 -24.76 -18.75 19.58
N LYS C 90 -24.02 -17.87 18.92
CA LYS C 90 -24.06 -16.45 19.23
C LYS C 90 -23.97 -15.75 17.87
N GLN C 91 -24.54 -14.56 17.76
CA GLN C 91 -24.53 -13.85 16.49
C GLN C 91 -24.11 -12.40 16.58
N ILE C 92 -23.59 -11.87 15.48
CA ILE C 92 -23.13 -10.50 15.46
C ILE C 92 -23.30 -9.94 14.04
N SER C 93 -23.35 -8.61 13.92
CA SER C 93 -23.50 -7.95 12.61
C SER C 93 -22.20 -7.25 12.28
N ALA C 94 -21.82 -7.28 11.01
CA ALA C 94 -20.58 -6.64 10.60
C ALA C 94 -20.69 -5.74 9.36
N HIS C 95 -20.22 -4.51 9.50
CA HIS C 95 -20.21 -3.55 8.41
C HIS C 95 -18.74 -3.25 8.12
N PHE C 96 -18.28 -3.54 6.90
CA PHE C 96 -16.89 -3.27 6.56
C PHE C 96 -16.73 -1.99 5.76
N MET C 97 -17.73 -1.69 4.94
CA MET C 97 -17.72 -0.46 4.16
C MET C 97 -19.04 -0.24 3.47
N GLY C 98 -19.29 1.01 3.08
CA GLY C 98 -20.51 1.35 2.39
C GLY C 98 -20.53 0.76 1.01
N TRP C 99 -21.66 0.88 0.32
CA TRP C 99 -21.80 0.31 -1.01
C TRP C 99 -21.51 1.40 -2.03
N PRO C 100 -21.24 1.02 -3.29
CA PRO C 100 -20.97 1.99 -4.35
C PRO C 100 -22.28 2.67 -4.76
N GLY C 101 -22.24 3.45 -5.84
CA GLY C 101 -23.42 4.13 -6.31
C GLY C 101 -23.29 5.65 -6.40
N SER D 1 37.83 30.36 1.38
CA SER D 1 37.22 31.63 0.87
C SER D 1 36.17 31.33 -0.19
N HIS D 2 36.21 32.07 -1.29
CA HIS D 2 35.25 31.89 -2.37
C HIS D 2 35.73 31.01 -3.52
N MET D 3 34.79 30.50 -4.30
CA MET D 3 35.10 29.66 -5.46
C MET D 3 33.86 29.24 -6.25
N ALA D 4 34.08 28.87 -7.49
CA ALA D 4 32.99 28.43 -8.37
C ALA D 4 32.46 27.11 -7.81
N PRO D 5 31.18 26.81 -8.09
CA PRO D 5 30.59 25.58 -7.60
C PRO D 5 31.17 24.36 -8.31
N THR D 6 31.27 23.26 -7.59
CA THR D 6 31.79 22.03 -8.17
C THR D 6 30.96 20.84 -7.70
N ILE D 7 30.45 20.09 -8.66
CA ILE D 7 29.64 18.92 -8.37
C ILE D 7 30.57 17.76 -8.01
N THR D 8 30.72 17.52 -6.72
CA THR D 8 31.58 16.45 -6.24
C THR D 8 30.88 15.11 -6.10
N PHE D 9 29.62 15.02 -6.50
CA PHE D 9 28.89 13.76 -6.36
C PHE D 9 27.49 13.73 -7.01
N LEU D 10 27.29 12.75 -7.89
CA LEU D 10 26.02 12.56 -8.58
C LEU D 10 25.92 11.08 -8.90
N GLU D 11 24.94 10.39 -8.31
CA GLU D 11 24.82 8.96 -8.58
C GLU D 11 23.45 8.49 -9.04
N SER D 12 23.40 7.24 -9.48
CA SER D 12 22.17 6.61 -9.95
C SER D 12 21.16 6.79 -8.83
N PRO D 13 19.86 6.87 -9.19
CA PRO D 13 18.85 7.05 -8.15
C PRO D 13 18.55 5.79 -7.33
N THR D 14 18.29 5.98 -6.04
CA THR D 14 17.92 4.87 -5.16
C THR D 14 16.52 5.14 -4.65
N SER D 15 15.77 4.08 -4.38
CA SER D 15 14.40 4.24 -3.92
C SER D 15 14.18 4.10 -2.42
N ASP D 16 13.61 5.15 -1.81
CA ASP D 16 13.28 5.13 -0.39
C ASP D 16 11.78 5.30 -0.41
N HIS D 17 11.26 6.32 0.29
CA HIS D 17 9.82 6.56 0.27
C HIS D 17 9.52 7.09 -1.12
N HIS D 18 10.36 8.04 -1.55
CA HIS D 18 10.28 8.64 -2.87
C HIS D 18 11.61 8.26 -3.46
N TRP D 19 11.78 8.42 -4.77
CA TRP D 19 13.07 8.10 -5.34
C TRP D 19 13.96 9.32 -5.19
N CYS D 20 15.27 9.09 -5.10
CA CYS D 20 16.24 10.15 -4.94
C CYS D 20 17.45 10.03 -5.85
N ILE D 21 17.79 11.14 -6.51
CA ILE D 21 18.98 11.19 -7.34
C ILE D 21 19.87 11.99 -6.39
N PRO D 22 20.85 11.32 -5.75
CA PRO D 22 21.78 11.94 -4.81
C PRO D 22 22.88 12.79 -5.44
N PHE D 23 23.02 14.02 -4.93
CA PHE D 23 24.05 14.94 -5.41
C PHE D 23 24.78 15.62 -4.26
N THR D 24 25.96 16.17 -4.55
CA THR D 24 26.74 16.89 -3.56
C THR D 24 27.48 18.00 -4.28
N VAL D 25 27.20 19.24 -3.91
CA VAL D 25 27.85 20.36 -4.58
C VAL D 25 28.63 21.25 -3.60
N LYS D 26 29.89 21.52 -3.95
CA LYS D 26 30.73 22.38 -3.13
C LYS D 26 30.89 23.72 -3.86
N GLY D 27 30.71 24.82 -3.14
CA GLY D 27 30.83 26.12 -3.78
C GLY D 27 30.32 27.28 -2.93
N ASN D 28 31.00 28.42 -3.03
CA ASN D 28 30.62 29.60 -2.25
C ASN D 28 30.72 30.89 -3.07
N PRO D 29 29.65 31.70 -3.06
CA PRO D 29 28.37 31.51 -2.36
C PRO D 29 27.54 30.28 -2.78
N LYS D 30 26.37 30.12 -2.15
CA LYS D 30 25.46 28.99 -2.42
C LYS D 30 24.98 28.91 -3.86
N PRO D 31 25.37 27.84 -4.57
CA PRO D 31 25.04 27.55 -5.96
C PRO D 31 23.56 27.42 -6.30
N ALA D 32 23.17 27.95 -7.45
CA ALA D 32 21.80 27.86 -7.92
C ALA D 32 21.77 26.53 -8.65
N LEU D 33 20.78 25.70 -8.33
CA LEU D 33 20.67 24.38 -8.96
C LEU D 33 19.57 24.23 -10.00
N GLN D 34 19.93 23.61 -11.12
CA GLN D 34 18.99 23.38 -12.19
C GLN D 34 19.29 22.00 -12.77
N TRP D 35 18.27 21.36 -13.32
CA TRP D 35 18.45 20.04 -13.91
C TRP D 35 18.07 20.06 -15.37
N PHE D 36 18.74 19.21 -16.14
CA PHE D 36 18.45 19.09 -17.55
C PHE D 36 18.02 17.66 -17.78
N TYR D 37 16.90 17.48 -18.46
CA TYR D 37 16.41 16.15 -18.72
C TYR D 37 16.33 15.90 -20.21
N ASN D 38 17.17 14.99 -20.69
CA ASN D 38 17.23 14.64 -22.11
C ASN D 38 17.24 15.86 -23.05
N GLY D 39 18.27 16.69 -22.92
CA GLY D 39 18.42 17.86 -23.79
C GLY D 39 17.52 19.07 -23.55
N ALA D 40 16.89 19.14 -22.38
CA ALA D 40 16.02 20.27 -22.09
C ALA D 40 15.97 20.57 -20.59
N ILE D 41 15.60 21.80 -20.25
CA ILE D 41 15.53 22.16 -18.85
C ILE D 41 14.34 21.42 -18.24
N LEU D 42 14.56 20.85 -17.06
CA LEU D 42 13.52 20.11 -16.36
C LEU D 42 12.73 21.03 -15.46
N ASN D 43 11.45 21.17 -15.76
CA ASN D 43 10.56 22.00 -14.97
C ASN D 43 10.04 21.20 -13.80
N GLU D 44 10.51 21.58 -12.62
CA GLU D 44 10.13 20.89 -11.40
C GLU D 44 8.70 21.20 -10.99
N SER D 45 8.12 20.31 -10.19
CA SER D 45 6.75 20.46 -9.71
C SER D 45 6.62 19.73 -8.38
N LYS D 46 5.39 19.49 -7.96
CA LYS D 46 5.18 18.80 -6.71
C LYS D 46 5.41 17.29 -6.82
N TYR D 47 5.93 16.84 -7.97
CA TYR D 47 6.22 15.43 -8.19
C TYR D 47 7.71 15.25 -8.49
N ILE D 48 8.35 16.33 -8.90
CA ILE D 48 9.77 16.31 -9.22
C ILE D 48 10.36 17.61 -8.74
N CYS D 49 11.29 17.54 -7.79
CA CYS D 49 11.91 18.76 -7.28
C CYS D 49 13.25 18.51 -6.60
N THR D 50 14.01 19.58 -6.40
CA THR D 50 15.32 19.51 -5.77
C THR D 50 15.20 19.80 -4.26
N LYS D 51 15.87 18.99 -3.46
CA LYS D 51 15.84 19.15 -2.01
C LYS D 51 17.26 19.10 -1.46
N ILE D 52 17.65 20.13 -0.72
CA ILE D 52 18.97 20.13 -0.11
C ILE D 52 18.71 19.64 1.30
N HIS D 53 19.17 18.44 1.61
CA HIS D 53 18.95 17.89 2.95
C HIS D 53 20.09 18.21 3.92
N VAL D 54 21.29 18.44 3.39
CA VAL D 54 22.45 18.74 4.22
C VAL D 54 23.30 19.89 3.70
N THR D 55 23.51 20.91 4.54
CA THR D 55 24.33 22.07 4.20
C THR D 55 25.36 22.32 5.29
N ASN D 56 26.59 21.87 5.09
CA ASN D 56 27.65 22.08 6.06
C ASN D 56 28.08 23.54 5.98
N HIS D 57 29.11 23.83 5.20
CA HIS D 57 29.56 25.19 5.04
C HIS D 57 29.35 25.60 3.59
N THR D 58 30.10 24.95 2.70
CA THR D 58 30.01 25.22 1.27
C THR D 58 29.71 23.90 0.57
N GLU D 59 29.42 22.90 1.38
CA GLU D 59 29.12 21.56 0.89
C GLU D 59 27.63 21.30 1.05
N TYR D 60 26.94 21.06 -0.07
CA TYR D 60 25.51 20.81 -0.03
C TYR D 60 25.19 19.40 -0.51
N HIS D 61 24.35 18.72 0.26
CA HIS D 61 23.95 17.34 -0.03
C HIS D 61 22.43 17.29 -0.21
N GLY D 62 21.99 16.81 -1.37
CA GLY D 62 20.56 16.75 -1.60
C GLY D 62 20.11 15.71 -2.60
N CYS D 63 18.86 15.85 -3.03
CA CYS D 63 18.25 14.93 -3.98
C CYS D 63 17.36 15.63 -4.99
N LEU D 64 17.20 14.96 -6.12
CA LEU D 64 16.26 15.42 -7.12
C LEU D 64 15.16 14.46 -6.64
N GLN D 65 14.15 14.99 -5.95
CA GLN D 65 13.09 14.17 -5.40
C GLN D 65 12.03 13.78 -6.43
N LEU D 66 11.77 12.48 -6.55
CA LEU D 66 10.77 11.99 -7.49
C LEU D 66 9.66 11.17 -6.83
N ASP D 67 8.42 11.56 -7.09
CA ASP D 67 7.24 10.89 -6.56
C ASP D 67 6.62 9.98 -7.64
N ASN D 68 6.61 8.67 -7.38
CA ASN D 68 6.04 7.70 -8.32
C ASN D 68 6.51 7.82 -9.76
N PRO D 69 7.83 7.75 -9.98
CA PRO D 69 8.34 7.84 -11.35
C PRO D 69 8.06 6.53 -12.06
N THR D 70 8.24 6.50 -13.37
CA THR D 70 8.03 5.27 -14.12
C THR D 70 8.98 5.30 -15.31
N HIS D 71 8.88 4.33 -16.20
CA HIS D 71 9.74 4.30 -17.36
C HIS D 71 9.72 5.71 -17.99
N MET D 72 8.56 6.36 -17.90
CA MET D 72 8.34 7.69 -18.42
C MET D 72 9.41 8.71 -17.98
N ASN D 73 10.12 8.41 -16.90
CA ASN D 73 11.14 9.32 -16.40
C ASN D 73 12.57 8.83 -16.60
N ASN D 74 12.73 7.65 -17.20
CA ASN D 74 14.08 7.14 -17.42
C ASN D 74 14.79 8.15 -18.30
N GLY D 75 16.12 8.16 -18.26
CA GLY D 75 16.84 9.10 -19.09
C GLY D 75 18.01 9.75 -18.40
N ASP D 76 18.74 10.55 -19.17
CA ASP D 76 19.91 11.24 -18.67
C ASP D 76 19.54 12.53 -17.97
N TYR D 77 19.95 12.64 -16.71
CA TYR D 77 19.68 13.82 -15.92
C TYR D 77 20.99 14.61 -15.78
N THR D 78 20.89 15.92 -15.77
CA THR D 78 22.08 16.75 -15.66
C THR D 78 21.87 17.84 -14.62
N LEU D 79 22.71 17.83 -13.60
CA LEU D 79 22.61 18.84 -12.56
C LEU D 79 23.53 20.00 -12.93
N ILE D 80 23.01 21.22 -12.85
CA ILE D 80 23.82 22.38 -13.16
C ILE D 80 24.00 23.24 -11.94
N ALA D 81 25.25 23.38 -11.52
CA ALA D 81 25.58 24.21 -10.37
C ALA D 81 26.11 25.53 -10.94
N LYS D 82 25.26 26.55 -10.89
CA LYS D 82 25.61 27.86 -11.40
C LYS D 82 25.84 28.79 -10.21
N ASN D 83 26.97 29.50 -10.25
CA ASN D 83 27.33 30.42 -9.17
C ASN D 83 28.12 31.62 -9.65
N GLU D 84 28.09 32.68 -8.84
CA GLU D 84 28.78 33.94 -9.11
C GLU D 84 30.16 33.81 -9.77
N TYR D 85 30.94 32.80 -9.39
CA TYR D 85 32.28 32.62 -9.93
C TYR D 85 32.42 31.63 -11.09
N GLY D 86 31.30 31.07 -11.54
CA GLY D 86 31.34 30.12 -12.65
C GLY D 86 30.27 29.06 -12.54
N LYS D 87 30.41 27.98 -13.31
CA LYS D 87 29.42 26.91 -13.28
C LYS D 87 30.04 25.52 -13.48
N ASP D 88 29.25 24.50 -13.18
CA ASP D 88 29.68 23.13 -13.36
C ASP D 88 28.50 22.30 -13.85
N GLU D 89 28.81 21.23 -14.57
CA GLU D 89 27.79 20.34 -15.13
C GLU D 89 28.21 18.89 -15.04
N LYS D 90 27.41 18.08 -14.35
CA LYS D 90 27.68 16.65 -14.22
C LYS D 90 26.39 15.93 -14.59
N GLN D 91 26.53 14.79 -15.26
CA GLN D 91 25.37 14.05 -15.73
C GLN D 91 25.30 12.64 -15.17
N ILE D 92 24.09 12.08 -15.15
CA ILE D 92 23.87 10.73 -14.65
C ILE D 92 22.65 10.09 -15.32
N SER D 93 22.75 8.80 -15.57
CA SER D 93 21.67 8.07 -16.21
C SER D 93 20.74 7.49 -15.14
N ALA D 94 19.43 7.50 -15.40
CA ALA D 94 18.45 7.00 -14.46
C ALA D 94 17.44 6.01 -15.05
N HIS D 95 17.24 4.91 -14.35
CA HIS D 95 16.29 3.86 -14.74
C HIS D 95 15.44 3.59 -13.53
N PHE D 96 14.13 3.80 -13.65
CA PHE D 96 13.24 3.56 -12.52
C PHE D 96 12.44 2.28 -12.70
N MET D 97 12.12 1.98 -13.96
CA MET D 97 11.40 0.78 -14.33
C MET D 97 11.31 0.69 -15.84
N GLY D 98 11.31 -0.53 -16.36
CA GLY D 98 11.24 -0.74 -17.79
C GLY D 98 9.88 -0.46 -18.39
N TRP D 99 9.85 -0.28 -19.71
CA TRP D 99 8.59 -0.04 -20.41
C TRP D 99 7.75 -1.31 -20.38
N PRO D 100 6.42 -1.17 -20.38
CA PRO D 100 5.49 -2.31 -20.35
C PRO D 100 5.83 -3.35 -21.42
N GLY D 101 6.21 -4.55 -20.98
CA GLY D 101 6.55 -5.61 -21.92
C GLY D 101 7.79 -6.40 -21.52
S SO4 E . -5.95 -2.04 20.47
O1 SO4 E . -7.41 -1.40 20.16
O2 SO4 E . -5.28 -1.06 21.30
O3 SO4 E . -6.09 -3.20 21.06
O4 SO4 E . -5.33 -2.08 19.18
S SO4 F . -19.73 -11.67 -11.38
O1 SO4 F . -20.83 -12.86 -11.35
O2 SO4 F . -20.04 -10.90 -12.56
O3 SO4 F . -19.80 -10.97 -10.28
O4 SO4 F . -18.50 -12.40 -11.59
S SO4 G . 20.91 3.12 4.33
O1 SO4 G . 20.29 1.94 3.39
O2 SO4 G . 22.15 2.59 4.82
O3 SO4 G . 21.06 4.21 3.62
O4 SO4 G . 19.96 3.20 5.41
S SO4 H . -21.34 -16.29 -4.25
O1 SO4 H . -22.64 -16.81 -3.44
O2 SO4 H . -21.73 -15.02 -4.79
O3 SO4 H . -20.31 -16.21 -3.45
O4 SO4 H . -21.22 -17.25 -5.32
#